data_6SW2
#
_entry.id   6SW2
#
_cell.length_a   47.079
_cell.length_b   63.984
_cell.length_c   128.101
_cell.angle_alpha   90.000
_cell.angle_beta   90.000
_cell.angle_gamma   90.000
#
_symmetry.space_group_name_H-M   'P 21 21 21'
#
loop_
_entity.id
_entity.type
_entity.pdbx_description
1 polymer 'Probable FAD-dependent monooxygenase'
2 non-polymer 'FLAVIN-ADENINE DINUCLEOTIDE'
3 non-polymer '3-(2-aminophenyl)-3-oxopropanoic acid'
4 non-polymer 'TRIETHYLENE GLYCOL'
5 non-polymer 'PHOSPHATE ION'
6 non-polymer '2-(N-MORPHOLINO)-ETHANESULFONIC ACID'
7 non-polymer DI(HYDROXYETHYL)ETHER
8 water water
#
_entity_poly.entity_id   1
_entity_poly.type   'polypeptide(L)'
_entity_poly.pdbx_seq_one_letter_code
;MTDNHIDVLINGCGIGGAMLAYLLGRQGHRVVVVEQARRERAINGADLLKPAGIRVVEAAGLLAEVTRRGGRVRHELEVY
HDGELLRYFNYSSVDARGYFILMP(CSO)ESLRRLVLEKIDGEATVEMLFETRIEAVQRDERHAIDQVRLNDGRVLRPRV
VVGADGIASYVRRRLLDIDVERRPYPSPMLVGTFALAPCVAERNRLYVDSQGGLAYFYPIGFDRARLVVSFPREEARELM
ADTRGESLRRRLQRFVGDESAEAIAAVTGTSRFKGIPIGYLNLDRYWADNVAMLGDAIHNVHPITGQGMNLAIEDASALA
DALDLALRDACALEDALAGYQAERFPVNQAIVSYGHALATSLEDRQRFAGVFDTALQGSSRTPEALGGERSYQPVRSPAP
LG
;
_entity_poly.pdbx_strand_id   A
#
# COMPACT_ATOMS: atom_id res chain seq x y z
N ASN A 4 20.35 24.98 -10.02
CA ASN A 4 19.15 24.45 -9.27
C ASN A 4 18.60 23.25 -10.06
N HIS A 5 19.34 22.68 -11.36
CA HIS A 5 18.93 21.52 -12.11
C HIS A 5 19.04 20.29 -11.19
N ILE A 6 17.96 19.50 -11.16
CA ILE A 6 17.99 18.20 -10.50
C ILE A 6 17.44 17.20 -11.50
N ASP A 7 17.60 15.92 -11.20
CA ASP A 7 17.10 14.87 -12.09
C ASP A 7 15.62 14.59 -11.85
N VAL A 8 15.24 14.40 -10.58
CA VAL A 8 13.89 13.96 -10.25
C VAL A 8 13.39 14.70 -9.01
N LEU A 9 12.22 15.33 -9.14
CA LEU A 9 11.46 15.85 -8.03
C LEU A 9 10.34 14.86 -7.72
N ILE A 10 10.36 14.28 -6.51
CA ILE A 10 9.33 13.35 -6.06
C ILE A 10 8.39 14.09 -5.08
N ASN A 11 7.12 14.16 -5.45
CA ASN A 11 6.07 14.72 -4.55
C ASN A 11 5.51 13.56 -3.70
N GLY A 12 5.80 13.58 -2.40
CA GLY A 12 5.34 12.56 -1.49
C GLY A 12 6.43 11.63 -1.06
N CYS A 13 6.55 11.43 0.26
CA CYS A 13 7.54 10.51 0.81
C CYS A 13 6.87 9.41 1.65
N GLY A 14 5.87 8.79 1.05
CA GLY A 14 5.31 7.54 1.55
C GLY A 14 6.20 6.37 1.13
N ILE A 15 5.68 5.16 1.26
CA ILE A 15 6.46 4.01 1.03
C ILE A 15 6.93 3.97 -0.42
N GLY A 16 6.03 4.30 -1.36
CA GLY A 16 6.34 4.39 -2.77
C GLY A 16 7.44 5.40 -3.12
N GLY A 17 7.26 6.62 -2.66
CA GLY A 17 8.18 7.67 -2.96
C GLY A 17 9.52 7.44 -2.29
N ALA A 18 9.50 6.94 -1.05
CA ALA A 18 10.75 6.67 -0.34
C ALA A 18 11.53 5.60 -1.08
N MET A 19 10.85 4.53 -1.49
CA MET A 19 11.52 3.43 -2.22
C MET A 19 12.13 3.96 -3.53
N LEU A 20 11.37 4.77 -4.27
CA LEU A 20 11.88 5.32 -5.53
C LEU A 20 13.11 6.19 -5.27
N ALA A 21 13.02 7.07 -4.27
CA ALA A 21 14.12 7.98 -3.91
C ALA A 21 15.39 7.17 -3.63
N TYR A 22 15.24 6.14 -2.80
CA TYR A 22 16.36 5.32 -2.40
C TYR A 22 17.01 4.64 -3.62
N LEU A 23 16.20 4.02 -4.47
CA LEU A 23 16.73 3.30 -5.67
C LEU A 23 17.44 4.27 -6.63
N LEU A 24 16.84 5.42 -6.88
CA LEU A 24 17.54 6.46 -7.73
C LEU A 24 18.81 7.03 -7.08
N GLY A 25 18.76 7.23 -5.77
CA GLY A 25 19.86 7.80 -5.02
C GLY A 25 21.06 6.89 -5.00
N ARG A 26 20.82 5.59 -4.98
CA ARG A 26 21.87 4.60 -5.04
C ARG A 26 22.69 4.73 -6.33
N GLN A 27 22.10 5.34 -7.38
CA GLN A 27 22.82 5.50 -8.66
C GLN A 27 23.45 6.88 -8.79
N GLY A 28 23.37 7.69 -7.73
CA GLY A 28 23.91 9.03 -7.69
C GLY A 28 23.05 10.06 -8.42
N HIS A 29 21.79 9.76 -8.69
CA HIS A 29 20.95 10.77 -9.30
C HIS A 29 20.55 11.81 -8.27
N ARG A 30 20.38 13.05 -8.75
CA ARG A 30 20.06 14.18 -7.93
C ARG A 30 18.54 14.22 -7.75
N VAL A 31 18.10 13.91 -6.52
CA VAL A 31 16.70 13.76 -6.22
C VAL A 31 16.31 14.70 -5.08
N VAL A 32 15.20 15.42 -5.24
CA VAL A 32 14.56 16.13 -4.13
C VAL A 32 13.19 15.50 -3.90
N VAL A 33 12.94 15.16 -2.63
CA VAL A 33 11.65 14.59 -2.22
C VAL A 33 10.96 15.66 -1.38
N VAL A 34 9.70 15.93 -1.73
CA VAL A 34 8.90 16.94 -1.06
C VAL A 34 7.78 16.21 -0.35
N GLU A 35 7.68 16.41 0.97
CA GLU A 35 6.68 15.72 1.79
C GLU A 35 6.00 16.77 2.71
N GLN A 36 4.66 16.80 2.69
CA GLN A 36 3.92 17.82 3.40
C GLN A 36 3.95 17.57 4.91
N ALA A 37 4.07 16.30 5.33
CA ALA A 37 4.09 15.99 6.75
C ALA A 37 5.51 16.09 7.34
N ARG A 38 5.57 16.03 8.66
CA ARG A 38 6.79 15.79 9.44
C ARG A 38 7.27 14.36 9.18
N ARG A 39 8.58 14.15 9.21
CA ARG A 39 9.15 12.82 8.93
C ARG A 39 8.60 11.75 9.90
N GLU A 40 8.40 12.13 11.16
CA GLU A 40 8.08 11.22 12.29
C GLU A 40 6.56 10.96 12.41
N ARG A 41 5.72 11.70 11.69
CA ARG A 41 4.28 11.42 11.62
C ARG A 41 4.05 9.91 11.39
N ALA A 42 3.60 9.20 12.44
CA ALA A 42 3.25 7.76 12.43
C ALA A 42 1.93 7.57 11.67
N ILE A 43 2.00 6.96 10.48
CA ILE A 43 0.96 7.05 9.45
C ILE A 43 -0.06 5.91 9.61
N ASN A 44 0.46 4.67 9.71
CA ASN A 44 -0.29 3.42 9.58
C ASN A 44 -0.69 3.20 8.12
N GLY A 45 -0.64 1.93 7.70
CA GLY A 45 -0.84 1.53 6.35
C GLY A 45 -0.96 0.03 6.26
N ALA A 46 -0.84 -0.47 5.03
CA ALA A 46 -0.87 -1.90 4.75
C ALA A 46 0.31 -2.60 5.45
N ASP A 47 0.16 -3.89 5.70
CA ASP A 47 1.14 -4.75 6.46
C ASP A 47 1.73 -5.86 5.57
N LEU A 48 1.30 -5.99 4.32
CA LEU A 48 1.61 -7.19 3.55
C LEU A 48 2.62 -6.91 2.44
N LEU A 49 3.63 -7.76 2.37
CA LEU A 49 4.49 -7.83 1.23
C LEU A 49 4.29 -9.19 0.56
N LYS A 50 3.93 -9.16 -0.73
CA LYS A 50 3.78 -10.35 -1.55
C LYS A 50 5.11 -10.66 -2.24
N PRO A 51 5.26 -11.84 -2.88
CA PRO A 51 6.53 -12.24 -3.47
C PRO A 51 7.13 -11.17 -4.41
N ALA A 52 6.30 -10.51 -5.24
CA ALA A 52 6.85 -9.46 -6.18
C ALA A 52 7.39 -8.26 -5.39
N GLY A 53 6.74 -7.88 -4.27
CA GLY A 53 7.27 -6.81 -3.45
C GLY A 53 8.53 -7.22 -2.72
N ILE A 54 8.54 -8.48 -2.23
CA ILE A 54 9.70 -9.01 -1.50
C ILE A 54 10.92 -9.01 -2.41
N ARG A 55 10.71 -9.36 -3.69
CA ARG A 55 11.79 -9.37 -4.71
C ARG A 55 12.44 -7.98 -4.80
N VAL A 56 11.62 -6.92 -4.70
CA VAL A 56 12.13 -5.52 -4.75
C VAL A 56 12.99 -5.26 -3.51
N VAL A 57 12.43 -5.60 -2.33
CA VAL A 57 13.07 -5.32 -1.04
C VAL A 57 14.41 -6.06 -1.00
N GLU A 58 14.39 -7.31 -1.48
CA GLU A 58 15.60 -8.15 -1.50
C GLU A 58 16.64 -7.56 -2.47
N ALA A 59 16.19 -7.16 -3.67
CA ALA A 59 17.12 -6.54 -4.64
C ALA A 59 17.71 -5.23 -4.10
N ALA A 60 16.95 -4.50 -3.26
CA ALA A 60 17.40 -3.24 -2.64
C ALA A 60 18.39 -3.48 -1.49
N GLY A 61 18.60 -4.76 -1.11
CA GLY A 61 19.51 -5.17 -0.04
C GLY A 61 18.90 -5.07 1.35
N LEU A 62 17.56 -5.00 1.45
CA LEU A 62 16.89 -4.72 2.73
C LEU A 62 16.24 -5.96 3.39
N LEU A 63 16.25 -7.13 2.75
CA LEU A 63 15.43 -8.25 3.25
C LEU A 63 15.88 -8.74 4.64
N ALA A 64 17.18 -8.90 4.86
CA ALA A 64 17.66 -9.30 6.19
C ALA A 64 17.18 -8.29 7.26
N GLU A 65 17.30 -7.00 6.96
CA GLU A 65 16.95 -6.00 7.90
C GLU A 65 15.45 -5.99 8.20
N VAL A 66 14.60 -6.32 7.21
CA VAL A 66 13.15 -6.40 7.48
C VAL A 66 12.85 -7.39 8.62
N THR A 67 13.46 -8.57 8.62
CA THR A 67 13.09 -9.54 9.66
C THR A 67 13.75 -9.16 10.99
N ARG A 68 14.92 -8.50 10.92
CA ARG A 68 15.58 -7.96 12.11
C ARG A 68 14.70 -6.91 12.79
N ARG A 69 13.85 -6.20 12.06
CA ARG A 69 13.03 -5.13 12.60
C ARG A 69 11.57 -5.55 12.80
N GLY A 70 11.28 -6.84 12.91
CA GLY A 70 9.97 -7.27 13.31
C GLY A 70 9.12 -7.80 12.18
N GLY A 71 9.65 -7.81 10.94
CA GLY A 71 8.94 -8.45 9.81
C GLY A 71 8.86 -9.97 9.99
N ARG A 72 7.72 -10.54 9.61
CA ARG A 72 7.51 -11.97 9.79
C ARG A 72 7.24 -12.68 8.45
N VAL A 73 8.03 -13.70 8.16
CA VAL A 73 7.82 -14.58 7.04
C VAL A 73 6.66 -15.53 7.36
N ARG A 74 5.73 -15.66 6.40
CA ARG A 74 4.58 -16.52 6.51
C ARG A 74 4.39 -17.28 5.19
N HIS A 75 3.71 -18.42 5.24
CA HIS A 75 3.39 -19.05 3.96
C HIS A 75 2.02 -19.72 3.94
N GLU A 76 1.13 -19.39 4.89
CA GLU A 76 -0.13 -20.05 5.04
C GLU A 76 -1.24 -19.00 5.23
N LEU A 77 -2.43 -19.32 4.74
CA LEU A 77 -3.65 -18.58 5.10
C LEU A 77 -4.79 -19.57 5.19
N GLU A 78 -5.57 -19.46 6.28
CA GLU A 78 -6.86 -20.08 6.40
C GLU A 78 -7.97 -19.07 6.13
N VAL A 79 -8.92 -19.46 5.27
CA VAL A 79 -10.16 -18.70 5.01
C VAL A 79 -11.38 -19.52 5.45
N TYR A 80 -12.19 -18.92 6.31
CA TYR A 80 -13.43 -19.51 6.83
C TYR A 80 -14.62 -18.73 6.26
N HIS A 81 -15.73 -19.44 6.02
CA HIS A 81 -16.98 -18.82 5.64
C HIS A 81 -18.10 -19.46 6.48
N ASP A 82 -18.80 -18.63 7.23
CA ASP A 82 -19.88 -19.02 8.16
C ASP A 82 -19.32 -20.03 9.17
N GLY A 83 -18.06 -19.83 9.59
CA GLY A 83 -17.43 -20.61 10.65
C GLY A 83 -16.76 -21.91 10.18
N GLU A 84 -16.88 -22.27 8.91
CA GLU A 84 -16.26 -23.52 8.41
C GLU A 84 -15.15 -23.17 7.43
N LEU A 85 -14.11 -24.00 7.44
CA LEU A 85 -12.94 -23.78 6.63
C LEU A 85 -13.32 -23.93 5.15
N LEU A 86 -13.13 -22.86 4.39
CA LEU A 86 -13.46 -22.77 2.97
C LEU A 86 -12.22 -23.10 2.13
N ARG A 87 -11.08 -22.45 2.43
CA ARG A 87 -9.83 -22.69 1.74
C ARG A 87 -8.66 -22.60 2.74
N TYR A 88 -7.66 -23.45 2.53
CA TYR A 88 -6.35 -23.32 3.10
C TYR A 88 -5.36 -23.18 1.93
N PHE A 89 -4.52 -22.16 2.00
CA PHE A 89 -3.53 -21.85 1.03
C PHE A 89 -2.16 -22.01 1.68
N ASN A 90 -1.33 -22.77 0.97
CA ASN A 90 0.04 -22.94 1.28
C ASN A 90 0.81 -22.42 0.08
N TYR A 91 1.37 -21.23 0.20
CA TYR A 91 2.00 -20.55 -0.91
C TYR A 91 3.35 -21.15 -1.28
N SER A 92 3.89 -22.07 -0.46
CA SER A 92 5.18 -22.64 -0.72
C SER A 92 5.06 -24.08 -1.20
N SER A 93 3.83 -24.48 -1.55
CA SER A 93 3.54 -25.87 -1.86
C SER A 93 4.01 -26.23 -3.28
N VAL A 94 4.34 -25.22 -4.10
CA VAL A 94 4.99 -25.45 -5.42
C VAL A 94 6.27 -24.60 -5.51
N ASP A 95 6.11 -23.30 -5.28
CA ASP A 95 7.18 -22.31 -5.29
C ASP A 95 7.76 -22.22 -3.87
N ALA A 96 9.04 -22.61 -3.70
CA ALA A 96 9.73 -22.51 -2.42
C ALA A 96 9.71 -21.04 -1.94
N ARG A 97 9.89 -20.11 -2.87
CA ARG A 97 9.88 -18.66 -2.57
C ARG A 97 8.48 -18.07 -2.78
N GLY A 98 7.43 -18.86 -2.45
CA GLY A 98 6.04 -18.38 -2.51
C GLY A 98 5.63 -17.53 -1.30
N TYR A 99 6.49 -17.44 -0.28
CA TYR A 99 6.13 -16.90 1.04
C TYR A 99 5.72 -15.42 0.93
N PHE A 100 5.01 -14.92 1.94
CA PHE A 100 4.72 -13.49 2.08
C PHE A 100 5.33 -13.00 3.40
N ILE A 101 5.41 -11.70 3.57
CA ILE A 101 5.95 -11.11 4.77
C ILE A 101 4.91 -10.15 5.36
N LEU A 102 4.74 -10.21 6.67
CA LEU A 102 3.93 -9.19 7.37
C LEU A 102 4.89 -8.17 7.98
N MET A 103 4.77 -6.92 7.56
CA MET A 103 5.71 -5.86 7.99
C MET A 103 4.94 -4.56 7.96
N PRO A 104 4.79 -3.84 9.08
CA PRO A 104 4.04 -2.58 9.04
C PRO A 104 4.69 -1.60 8.05
N GLU A 106 4.91 1.59 8.07
CA GLU A 106 5.67 2.65 8.72
C GLU A 106 7.07 2.14 9.16
N SER A 107 7.19 0.88 9.59
CA SER A 107 8.50 0.26 9.90
C SER A 107 9.39 0.16 8.67
N LEU A 108 8.81 -0.28 7.54
CA LEU A 108 9.61 -0.42 6.32
C LEU A 108 10.03 0.97 5.81
N ARG A 109 9.10 1.93 5.88
CA ARG A 109 9.36 3.26 5.44
C ARG A 109 10.48 3.85 6.28
N ARG A 110 10.46 3.66 7.61
CA ARG A 110 11.53 4.20 8.46
C ARG A 110 12.89 3.61 8.07
N LEU A 111 12.93 2.32 7.76
CA LEU A 111 14.16 1.68 7.29
C LEU A 111 14.67 2.36 6.01
N VAL A 112 13.78 2.54 5.04
CA VAL A 112 14.18 3.17 3.76
C VAL A 112 14.70 4.59 4.00
N LEU A 113 14.01 5.36 4.85
CA LEU A 113 14.50 6.70 5.17
C LEU A 113 15.93 6.66 5.76
N GLU A 114 16.23 5.68 6.62
CA GLU A 114 17.55 5.59 7.20
C GLU A 114 18.61 5.41 6.10
N LYS A 115 18.22 4.72 5.03
CA LYS A 115 19.14 4.52 3.88
C LYS A 115 19.27 5.81 3.07
N ILE A 116 18.17 6.55 2.91
CA ILE A 116 18.19 7.79 2.14
C ILE A 116 19.08 8.80 2.86
N ASP A 117 19.08 8.73 4.20
CA ASP A 117 19.92 9.61 5.01
C ASP A 117 21.41 9.46 4.63
N GLY A 118 21.81 8.30 4.09
CA GLY A 118 23.15 8.01 3.70
C GLY A 118 23.45 8.29 2.24
N GLU A 119 22.47 8.78 1.47
CA GLU A 119 22.67 9.03 0.05
C GLU A 119 22.83 10.53 -0.20
N ALA A 120 24.03 10.96 -0.56
CA ALA A 120 24.37 12.41 -0.59
C ALA A 120 23.63 13.15 -1.73
N THR A 121 23.16 12.44 -2.77
CA THR A 121 22.50 13.10 -3.89
C THR A 121 20.97 13.21 -3.69
N VAL A 122 20.44 12.68 -2.58
CA VAL A 122 19.01 12.81 -2.30
C VAL A 122 18.83 13.79 -1.14
N GLU A 123 17.89 14.72 -1.32
CA GLU A 123 17.50 15.70 -0.34
C GLU A 123 16.02 15.49 -0.03
N MET A 124 15.70 15.18 1.23
CA MET A 124 14.32 15.03 1.69
C MET A 124 13.90 16.32 2.39
N LEU A 125 12.83 16.95 1.89
CA LEU A 125 12.25 18.16 2.44
C LEU A 125 10.90 17.82 3.06
N PHE A 126 10.89 17.76 4.39
CA PHE A 126 9.66 17.51 5.14
C PHE A 126 9.00 18.84 5.46
N GLU A 127 7.70 18.78 5.76
CA GLU A 127 6.84 19.95 5.97
C GLU A 127 7.00 20.96 4.85
N THR A 128 6.97 20.47 3.60
CA THR A 128 7.17 21.26 2.41
C THR A 128 6.14 20.83 1.36
N ARG A 129 5.73 21.77 0.47
CA ARG A 129 4.85 21.45 -0.61
C ARG A 129 5.23 22.26 -1.86
N ILE A 130 4.77 21.77 -3.00
CA ILE A 130 4.84 22.50 -4.23
C ILE A 130 3.84 23.66 -4.16
N GLU A 131 4.25 24.84 -4.66
CA GLU A 131 3.39 26.06 -4.69
C GLU A 131 2.87 26.30 -6.13
N ALA A 132 3.78 26.28 -7.10
CA ALA A 132 3.43 26.48 -8.50
C ALA A 132 4.48 25.86 -9.43
N VAL A 133 4.05 25.55 -10.65
CA VAL A 133 4.96 25.07 -11.68
C VAL A 133 4.83 25.93 -12.94
N GLN A 134 5.85 25.82 -13.77
CA GLN A 134 5.97 26.55 -15.02
C GLN A 134 6.31 25.51 -16.09
N ARG A 135 5.56 25.52 -17.20
CA ARG A 135 5.75 24.61 -18.30
C ARG A 135 6.52 25.32 -19.44
N ASP A 136 7.28 24.55 -20.23
CA ASP A 136 8.05 25.14 -21.36
C ASP A 136 7.21 25.01 -22.64
N GLU A 137 7.84 25.31 -23.77
CA GLU A 137 7.17 25.30 -25.05
C GLU A 137 6.83 23.89 -25.50
N ARG A 138 7.47 22.85 -24.93
CA ARG A 138 7.16 21.46 -25.23
C ARG A 138 6.13 20.89 -24.23
N HIS A 139 5.62 21.72 -23.33
CA HIS A 139 4.61 21.37 -22.31
C HIS A 139 5.22 20.51 -21.17
N ALA A 140 6.55 20.45 -21.07
CA ALA A 140 7.25 19.80 -19.96
C ALA A 140 7.33 20.77 -18.79
N ILE A 141 7.14 20.28 -17.55
CA ILE A 141 7.42 21.08 -16.40
C ILE A 141 8.92 21.35 -16.39
N ASP A 142 9.29 22.64 -16.32
CA ASP A 142 10.71 22.93 -16.26
C ASP A 142 11.08 23.71 -14.99
N GLN A 143 10.14 24.39 -14.34
CA GLN A 143 10.46 25.09 -13.10
C GLN A 143 9.35 24.78 -12.08
N VAL A 144 9.78 24.54 -10.84
CA VAL A 144 8.89 24.26 -9.73
C VAL A 144 9.29 25.13 -8.55
N ARG A 145 8.32 25.82 -7.99
CA ARG A 145 8.53 26.61 -6.83
C ARG A 145 7.86 25.91 -5.67
N LEU A 146 8.60 25.75 -4.56
CA LEU A 146 8.09 25.18 -3.33
C LEU A 146 7.63 26.32 -2.43
N ASN A 147 6.87 25.97 -1.38
CA ASN A 147 6.32 26.91 -0.42
C ASN A 147 7.41 27.46 0.53
N ASP A 148 8.65 26.96 0.43
CA ASP A 148 9.79 27.61 1.09
C ASP A 148 10.45 28.65 0.17
N GLY A 149 9.90 28.83 -1.05
CA GLY A 149 10.43 29.78 -2.02
C GLY A 149 11.53 29.18 -2.89
N ARG A 150 12.03 27.98 -2.55
CA ARG A 150 13.04 27.31 -3.36
C ARG A 150 12.48 27.12 -4.78
N VAL A 151 13.31 27.34 -5.80
CA VAL A 151 12.94 27.02 -7.18
C VAL A 151 13.87 25.91 -7.68
N LEU A 152 13.30 24.85 -8.27
CA LEU A 152 14.05 23.72 -8.82
C LEU A 152 13.67 23.58 -10.28
N ARG A 153 14.60 23.01 -11.04
CA ARG A 153 14.44 22.72 -12.44
C ARG A 153 14.69 21.23 -12.62
N PRO A 154 13.65 20.40 -12.46
CA PRO A 154 13.77 18.95 -12.58
C PRO A 154 13.59 18.46 -14.02
N ARG A 155 14.29 17.37 -14.34
CA ARG A 155 14.08 16.73 -15.62
C ARG A 155 12.75 15.96 -15.56
N VAL A 156 12.44 15.38 -14.39
CA VAL A 156 11.28 14.52 -14.18
C VAL A 156 10.59 14.93 -12.88
N VAL A 157 9.25 14.92 -12.89
CA VAL A 157 8.43 15.15 -11.71
C VAL A 157 7.62 13.87 -11.47
N VAL A 158 7.62 13.38 -10.22
CA VAL A 158 6.88 12.16 -9.89
C VAL A 158 5.83 12.44 -8.82
N GLY A 159 4.60 11.94 -9.06
CA GLY A 159 3.55 11.92 -8.07
C GLY A 159 3.52 10.61 -7.30
N ALA A 160 4.13 10.65 -6.10
CA ALA A 160 4.15 9.57 -5.12
C ALA A 160 3.32 10.04 -3.91
N ASP A 161 2.24 10.74 -4.21
CA ASP A 161 1.55 11.59 -3.21
C ASP A 161 0.18 10.99 -2.88
N GLY A 162 0.01 9.70 -3.20
CA GLY A 162 -1.06 8.94 -2.63
C GLY A 162 -2.47 9.17 -3.17
N ILE A 163 -3.43 8.68 -2.41
CA ILE A 163 -4.79 8.49 -2.87
C ILE A 163 -5.39 9.83 -3.36
N ALA A 164 -5.01 10.96 -2.77
CA ALA A 164 -5.58 12.30 -3.15
C ALA A 164 -4.53 13.10 -3.94
N SER A 165 -3.66 12.38 -4.65
CA SER A 165 -2.51 12.92 -5.39
C SER A 165 -2.72 14.36 -5.90
N TYR A 166 -1.91 15.28 -5.37
CA TYR A 166 -1.80 16.65 -5.89
C TYR A 166 -1.29 16.68 -7.33
N VAL A 167 -0.32 15.82 -7.65
CA VAL A 167 0.24 15.79 -9.00
C VAL A 167 -0.85 15.40 -10.00
N ARG A 168 -1.64 14.38 -9.65
CA ARG A 168 -2.68 13.86 -10.52
C ARG A 168 -3.71 14.97 -10.78
N ARG A 169 -4.15 15.60 -9.70
CA ARG A 169 -5.26 16.55 -9.74
C ARG A 169 -4.84 17.93 -10.28
N ARG A 170 -3.67 18.42 -9.90
CA ARG A 170 -3.32 19.83 -10.08
C ARG A 170 -2.24 20.01 -11.14
N LEU A 171 -1.43 18.99 -11.43
CA LEU A 171 -0.45 19.09 -12.48
C LEU A 171 -0.94 18.40 -13.75
N LEU A 172 -1.66 17.29 -13.60
CA LEU A 172 -2.11 16.59 -14.76
C LEU A 172 -3.58 16.89 -15.07
N ASP A 173 -4.26 17.62 -14.18
CA ASP A 173 -5.65 18.01 -14.35
C ASP A 173 -6.57 16.81 -14.55
N ILE A 174 -6.34 15.73 -13.79
CA ILE A 174 -7.20 14.58 -13.83
C ILE A 174 -8.16 14.64 -12.64
N ASP A 175 -9.46 14.46 -12.91
CA ASP A 175 -10.50 14.29 -11.88
C ASP A 175 -10.93 12.83 -11.97
N VAL A 176 -11.08 12.19 -10.81
CA VAL A 176 -11.36 10.77 -10.70
C VAL A 176 -12.75 10.66 -10.08
N GLU A 177 -13.56 9.76 -10.63
CA GLU A 177 -14.90 9.50 -10.14
C GLU A 177 -14.81 8.69 -8.82
N ARG A 178 -15.49 9.19 -7.77
CA ARG A 178 -15.63 8.57 -6.42
C ARG A 178 -16.84 7.62 -6.44
N ARG A 179 -16.63 6.35 -6.11
CA ARG A 179 -17.68 5.29 -6.09
C ARG A 179 -17.52 4.53 -4.77
N PRO A 180 -18.08 5.02 -3.63
CA PRO A 180 -17.87 4.38 -2.33
C PRO A 180 -18.51 2.98 -2.21
N TYR A 181 -17.90 2.13 -1.36
CA TYR A 181 -18.43 0.82 -1.06
C TYR A 181 -19.37 0.94 0.14
N PRO A 182 -20.39 0.07 0.24
CA PRO A 182 -21.33 0.13 1.36
C PRO A 182 -20.79 -0.43 2.69
N SER A 183 -19.67 -1.16 2.68
CA SER A 183 -19.11 -1.62 3.93
C SER A 183 -17.76 -0.95 4.11
N PRO A 184 -17.52 -0.22 5.22
CA PRO A 184 -16.18 0.26 5.51
C PRO A 184 -15.32 -0.87 6.09
N MET A 185 -14.02 -0.58 6.19
CA MET A 185 -13.09 -1.52 6.81
C MET A 185 -12.35 -0.75 7.90
N LEU A 186 -12.04 -1.45 8.99
CA LEU A 186 -11.34 -0.85 10.12
C LEU A 186 -10.26 -1.83 10.59
N VAL A 187 -9.17 -1.31 11.18
CA VAL A 187 -8.08 -2.11 11.70
C VAL A 187 -7.75 -1.64 13.10
N GLY A 188 -7.55 -2.63 13.98
CA GLY A 188 -7.18 -2.41 15.39
C GLY A 188 -6.00 -3.29 15.75
N THR A 189 -5.19 -2.84 16.70
CA THR A 189 -4.01 -3.57 17.13
C THR A 189 -4.20 -4.02 18.59
N PHE A 190 -3.91 -5.28 18.86
CA PHE A 190 -4.21 -5.92 20.12
C PHE A 190 -3.03 -6.75 20.58
N ALA A 191 -3.16 -7.30 21.78
CA ALA A 191 -2.16 -8.27 22.29
C ALA A 191 -2.17 -9.49 21.38
N LEU A 192 -1.03 -10.19 21.29
CA LEU A 192 -0.89 -11.32 20.39
C LEU A 192 -1.26 -12.63 21.11
N ALA A 193 -2.31 -13.30 20.66
CA ALA A 193 -2.68 -14.65 21.12
C ALA A 193 -1.88 -15.71 20.37
N PRO A 194 -1.59 -16.85 21.03
CA PRO A 194 -0.87 -17.95 20.37
C PRO A 194 -1.51 -18.43 19.06
N CYS A 195 -2.85 -18.45 19.00
CA CYS A 195 -3.52 -18.89 17.77
C CYS A 195 -3.11 -17.97 16.61
N VAL A 196 -2.95 -16.68 16.91
CA VAL A 196 -2.65 -15.66 15.88
C VAL A 196 -1.18 -15.86 15.46
N ALA A 197 -0.30 -16.05 16.46
CA ALA A 197 1.08 -16.36 16.23
C ALA A 197 1.29 -17.57 15.30
N GLU A 198 0.40 -18.56 15.39
CA GLU A 198 0.46 -19.81 14.68
C GLU A 198 0.16 -19.64 13.18
N ARG A 199 -0.90 -18.91 12.85
CA ARG A 199 -1.43 -18.92 11.49
C ARG A 199 -2.42 -17.78 11.27
N ASN A 200 -2.30 -17.13 10.10
CA ASN A 200 -3.23 -16.15 9.61
C ASN A 200 -4.60 -16.81 9.35
N ARG A 201 -5.69 -16.19 9.84
CA ARG A 201 -7.06 -16.67 9.68
C ARG A 201 -7.99 -15.51 9.33
N LEU A 202 -8.63 -15.66 8.17
CA LEU A 202 -9.57 -14.76 7.61
C LEU A 202 -10.94 -15.42 7.74
N TYR A 203 -11.88 -14.70 8.35
CA TYR A 203 -13.27 -15.16 8.55
C TYR A 203 -14.24 -14.23 7.83
N VAL A 204 -15.19 -14.82 7.10
CA VAL A 204 -16.27 -14.06 6.48
C VAL A 204 -17.59 -14.75 6.78
N ASP A 205 -18.69 -13.99 6.69
CA ASP A 205 -20.01 -14.60 6.83
C ASP A 205 -21.00 -14.05 5.80
N SER A 206 -22.13 -14.77 5.72
CA SER A 206 -23.23 -14.55 4.77
C SER A 206 -23.99 -13.26 5.08
N GLN A 207 -23.79 -12.64 6.26
CA GLN A 207 -24.42 -11.38 6.59
C GLN A 207 -23.53 -10.17 6.25
N GLY A 208 -22.36 -10.39 5.63
CA GLY A 208 -21.47 -9.28 5.27
C GLY A 208 -20.33 -9.03 6.26
N GLY A 209 -20.13 -9.90 7.24
CA GLY A 209 -19.04 -9.70 8.20
C GLY A 209 -17.70 -10.23 7.67
N LEU A 210 -16.61 -9.57 8.08
CA LEU A 210 -15.24 -10.00 7.79
C LEU A 210 -14.40 -9.71 9.04
N ALA A 211 -13.55 -10.67 9.39
CA ALA A 211 -12.60 -10.51 10.50
C ALA A 211 -11.31 -11.23 10.12
N TYR A 212 -10.19 -10.52 10.12
CA TYR A 212 -8.94 -11.09 9.71
C TYR A 212 -7.96 -10.85 10.84
N PHE A 213 -7.43 -11.94 11.39
CA PHE A 213 -6.51 -11.86 12.48
C PHE A 213 -5.12 -12.30 12.04
N TYR A 214 -4.10 -11.48 12.32
CA TYR A 214 -2.77 -11.84 11.95
C TYR A 214 -1.75 -11.13 12.84
N PRO A 215 -0.55 -11.70 13.02
CA PRO A 215 0.41 -11.10 13.93
C PRO A 215 1.08 -9.91 13.23
N ILE A 216 1.57 -8.95 14.03
CA ILE A 216 2.30 -7.84 13.45
C ILE A 216 3.39 -7.40 14.43
N GLY A 217 4.54 -7.07 13.86
CA GLY A 217 5.77 -6.90 14.65
C GLY A 217 6.03 -8.13 15.52
N PHE A 218 6.74 -7.90 16.63
CA PHE A 218 7.22 -8.96 17.52
C PHE A 218 6.07 -9.50 18.40
N ASP A 219 5.22 -8.60 18.92
CA ASP A 219 4.39 -8.99 20.07
C ASP A 219 3.00 -8.36 20.01
N ARG A 220 2.46 -8.17 18.81
CA ARG A 220 1.15 -7.61 18.66
C ARG A 220 0.41 -8.40 17.58
N ALA A 221 -0.88 -8.11 17.48
CA ALA A 221 -1.73 -8.69 16.44
C ALA A 221 -2.66 -7.60 15.92
N ARG A 222 -3.03 -7.74 14.64
CA ARG A 222 -4.00 -6.87 14.04
C ARG A 222 -5.29 -7.66 13.99
N LEU A 223 -6.40 -6.93 14.08
CA LEU A 223 -7.69 -7.41 13.63
C LEU A 223 -8.29 -6.38 12.64
N VAL A 224 -8.52 -6.83 11.42
CA VAL A 224 -9.15 -6.03 10.40
C VAL A 224 -10.60 -6.51 10.31
N VAL A 225 -11.57 -5.62 10.43
CA VAL A 225 -12.97 -6.00 10.32
C VAL A 225 -13.69 -5.19 9.24
N SER A 226 -14.76 -5.79 8.73
CA SER A 226 -15.65 -5.11 7.83
C SER A 226 -17.07 -5.60 8.14
N PHE A 227 -18.01 -4.64 8.22
CA PHE A 227 -19.46 -4.84 8.32
C PHE A 227 -20.18 -3.77 7.49
N PRO A 228 -21.45 -4.01 7.08
CA PRO A 228 -22.26 -2.94 6.49
C PRO A 228 -22.22 -1.70 7.41
N ARG A 229 -22.24 -0.53 6.78
CA ARG A 229 -21.83 0.73 7.40
C ARG A 229 -22.56 0.97 8.74
N GLU A 230 -23.90 0.79 8.76
CA GLU A 230 -24.68 1.15 9.96
C GLU A 230 -24.36 0.19 11.11
N GLU A 231 -24.19 -1.09 10.78
CA GLU A 231 -23.76 -2.06 11.74
C GLU A 231 -22.35 -1.72 12.25
N ALA A 232 -21.43 -1.38 11.35
CA ALA A 232 -20.07 -1.07 11.78
C ALA A 232 -20.15 0.09 12.78
N ARG A 233 -21.00 1.08 12.47
CA ARG A 233 -21.17 2.27 13.32
C ARG A 233 -21.56 1.84 14.75
N GLU A 234 -22.59 0.99 14.87
CA GLU A 234 -23.14 0.54 16.16
C GLU A 234 -22.12 -0.29 16.93
N LEU A 235 -21.38 -1.15 16.20
CA LEU A 235 -20.41 -1.99 16.89
C LEU A 235 -19.24 -1.16 17.43
N MET A 236 -18.78 -0.17 16.66
CA MET A 236 -17.65 0.66 17.14
C MET A 236 -18.10 1.60 18.30
N ALA A 237 -19.39 1.89 18.36
CA ALA A 237 -19.94 2.85 19.37
C ALA A 237 -19.93 2.27 20.78
N ASP A 238 -20.10 0.94 20.89
CA ASP A 238 -19.99 0.23 22.17
C ASP A 238 -18.49 0.04 22.47
N THR A 239 -17.87 1.01 23.15
CA THR A 239 -16.41 1.16 23.15
C THR A 239 -15.70 0.15 24.07
N ARG A 240 -16.43 -0.57 24.94
CA ARG A 240 -15.84 -1.63 25.76
C ARG A 240 -15.75 -2.95 24.97
N GLY A 241 -16.32 -2.97 23.77
CA GLY A 241 -16.08 -4.04 22.81
C GLY A 241 -17.04 -5.20 22.92
N GLU A 242 -18.03 -5.13 23.83
CA GLU A 242 -18.89 -6.28 24.08
C GLU A 242 -19.71 -6.63 22.84
N SER A 243 -20.31 -5.63 22.19
CA SER A 243 -21.08 -5.86 20.95
C SER A 243 -20.19 -6.45 19.83
N LEU A 244 -19.01 -5.88 19.64
CA LEU A 244 -18.09 -6.42 18.59
C LEU A 244 -17.70 -7.88 18.91
N ARG A 245 -17.26 -8.13 20.16
CA ARG A 245 -16.87 -9.50 20.51
C ARG A 245 -18.01 -10.49 20.24
N ARG A 246 -19.25 -10.13 20.58
CA ARG A 246 -20.36 -11.07 20.37
C ARG A 246 -20.71 -11.22 18.89
N ARG A 247 -20.60 -10.14 18.10
CA ARG A 247 -20.76 -10.26 16.67
C ARG A 247 -19.68 -11.19 16.08
N LEU A 248 -18.42 -11.06 16.53
CA LEU A 248 -17.30 -11.96 16.08
C LEU A 248 -17.61 -13.41 16.39
N GLN A 249 -18.16 -13.67 17.58
CA GLN A 249 -18.51 -15.03 18.01
C GLN A 249 -19.58 -15.68 17.12
N ARG A 250 -20.33 -14.88 16.35
CA ARG A 250 -21.32 -15.45 15.43
C ARG A 250 -20.66 -16.12 14.22
N PHE A 251 -19.39 -15.81 13.90
CA PHE A 251 -18.79 -16.39 12.68
C PHE A 251 -17.30 -16.73 12.81
N VAL A 252 -16.73 -16.58 14.00
CA VAL A 252 -15.35 -16.88 14.30
C VAL A 252 -15.33 -18.01 15.32
N GLY A 253 -14.77 -19.16 14.93
CA GLY A 253 -14.79 -20.31 15.82
C GLY A 253 -13.74 -20.26 16.92
N ASP A 254 -13.75 -21.31 17.75
CA ASP A 254 -12.99 -21.32 18.99
C ASP A 254 -11.46 -21.41 18.76
N GLU A 255 -11.00 -21.82 17.57
CA GLU A 255 -9.53 -21.74 17.28
C GLU A 255 -9.02 -20.32 17.56
N SER A 256 -9.88 -19.29 17.37
CA SER A 256 -9.48 -17.91 17.49
C SER A 256 -10.17 -17.27 18.69
N ALA A 257 -10.69 -18.06 19.64
CA ALA A 257 -11.37 -17.51 20.83
C ALA A 257 -10.46 -16.57 21.61
N GLU A 258 -9.19 -16.90 21.74
CA GLU A 258 -8.28 -16.05 22.53
C GLU A 258 -8.03 -14.73 21.79
N ALA A 259 -8.08 -14.76 20.44
CA ALA A 259 -7.91 -13.53 19.64
C ALA A 259 -9.13 -12.61 19.81
N ILE A 260 -10.32 -13.19 19.92
CA ILE A 260 -11.53 -12.40 20.21
C ILE A 260 -11.42 -11.75 21.60
N ALA A 261 -10.95 -12.54 22.58
CA ALA A 261 -10.85 -12.07 23.97
C ALA A 261 -9.82 -10.93 24.08
N ALA A 262 -8.89 -10.87 23.11
CA ALA A 262 -7.88 -9.81 23.08
C ALA A 262 -8.49 -8.46 22.64
N VAL A 263 -9.71 -8.46 22.08
CA VAL A 263 -10.39 -7.26 21.66
C VAL A 263 -11.03 -6.63 22.90
N THR A 264 -10.26 -5.76 23.57
CA THR A 264 -10.64 -5.21 24.86
C THR A 264 -11.43 -3.92 24.72
N GLY A 265 -11.50 -3.35 23.52
CA GLY A 265 -12.33 -2.18 23.25
C GLY A 265 -12.20 -1.74 21.82
N THR A 266 -12.93 -0.69 21.44
CA THR A 266 -13.01 -0.27 20.04
C THR A 266 -12.35 1.08 19.78
N SER A 267 -11.86 1.75 20.81
CA SER A 267 -11.49 3.18 20.69
C SER A 267 -10.28 3.39 19.79
N ARG A 268 -9.47 2.34 19.62
CA ARG A 268 -8.23 2.44 18.86
C ARG A 268 -8.34 1.91 17.42
N PHE A 269 -9.52 1.49 16.98
CA PHE A 269 -9.73 1.11 15.56
C PHE A 269 -9.57 2.33 14.66
N LYS A 270 -8.91 2.13 13.51
CA LYS A 270 -8.70 3.15 12.49
C LYS A 270 -9.41 2.72 11.21
N GLY A 271 -9.99 3.67 10.48
CA GLY A 271 -10.55 3.37 9.20
C GLY A 271 -9.47 3.07 8.19
N ILE A 272 -9.84 2.29 7.17
CA ILE A 272 -9.00 2.02 6.03
C ILE A 272 -9.70 2.53 4.80
N PRO A 273 -9.04 3.31 3.93
CA PRO A 273 -9.71 3.82 2.73
C PRO A 273 -9.99 2.71 1.71
N ILE A 274 -11.10 2.84 1.00
CA ILE A 274 -11.57 1.83 0.07
C ILE A 274 -11.93 2.52 -1.23
N GLY A 275 -11.01 2.44 -2.19
CA GLY A 275 -11.24 3.02 -3.51
C GLY A 275 -11.31 1.97 -4.59
N TYR A 276 -11.56 2.44 -5.81
CA TYR A 276 -11.52 1.62 -7.00
C TYR A 276 -10.97 2.51 -8.11
N LEU A 277 -9.76 2.25 -8.58
CA LEU A 277 -9.12 3.11 -9.62
C LEU A 277 -7.95 2.39 -10.29
N ASN A 278 -7.87 2.55 -11.61
CA ASN A 278 -6.64 2.32 -12.30
C ASN A 278 -6.58 3.33 -13.44
N LEU A 279 -5.73 4.34 -13.36
CA LEU A 279 -5.72 5.43 -14.37
C LEU A 279 -5.32 4.87 -15.75
N ASP A 280 -5.92 5.43 -16.81
CA ASP A 280 -5.62 5.07 -18.21
C ASP A 280 -4.16 5.39 -18.55
N ARG A 281 -3.64 6.47 -17.96
CA ARG A 281 -2.31 6.99 -18.21
C ARG A 281 -1.61 7.18 -16.86
N TYR A 282 -0.38 6.68 -16.78
CA TYR A 282 0.47 6.76 -15.58
C TYR A 282 1.40 7.96 -15.69
N TRP A 283 1.38 8.63 -16.86
CA TRP A 283 2.34 9.69 -17.12
C TRP A 283 1.80 10.62 -18.23
N ALA A 284 2.38 11.82 -18.28
CA ALA A 284 2.21 12.75 -19.41
C ALA A 284 3.39 13.70 -19.39
N ASP A 285 3.94 14.00 -20.57
CA ASP A 285 5.11 14.89 -20.67
C ASP A 285 6.25 14.28 -19.81
N ASN A 286 6.79 15.05 -18.86
CA ASN A 286 7.87 14.66 -17.99
C ASN A 286 7.33 14.42 -16.56
N VAL A 287 6.06 14.06 -16.47
CA VAL A 287 5.38 13.79 -15.18
C VAL A 287 4.94 12.32 -15.17
N ALA A 288 5.31 11.59 -14.12
CA ALA A 288 4.88 10.21 -13.92
C ALA A 288 4.35 10.07 -12.49
N MET A 289 3.53 9.03 -12.28
N MET A 289 3.56 9.02 -12.25
CA MET A 289 2.84 8.73 -11.01
CA MET A 289 2.97 8.76 -10.95
C MET A 289 3.06 7.26 -10.62
C MET A 289 3.09 7.27 -10.61
N LEU A 290 2.99 6.95 -9.31
CA LEU A 290 3.13 5.60 -8.78
C LEU A 290 2.17 5.45 -7.58
N GLY A 291 1.92 4.18 -7.22
CA GLY A 291 1.15 3.83 -6.04
C GLY A 291 -0.29 4.28 -6.08
N ASP A 292 -0.78 4.79 -4.95
CA ASP A 292 -2.16 5.15 -4.81
C ASP A 292 -2.55 6.40 -5.65
N ALA A 293 -1.57 7.14 -6.18
CA ALA A 293 -1.84 8.20 -7.10
C ALA A 293 -2.45 7.66 -8.40
N ILE A 294 -2.06 6.44 -8.81
CA ILE A 294 -2.53 5.87 -10.10
C ILE A 294 -3.56 4.75 -9.92
N HIS A 295 -3.55 4.02 -8.80
CA HIS A 295 -4.51 2.96 -8.63
C HIS A 295 -4.90 2.88 -7.15
N ASN A 296 -6.11 2.39 -6.93
CA ASN A 296 -6.64 2.11 -5.60
C ASN A 296 -7.23 0.71 -5.66
N VAL A 297 -6.68 -0.17 -4.83
CA VAL A 297 -7.15 -1.56 -4.78
C VAL A 297 -7.98 -1.72 -3.51
N HIS A 298 -8.98 -2.59 -3.55
CA HIS A 298 -9.70 -2.89 -2.34
C HIS A 298 -8.73 -3.46 -1.29
N PRO A 299 -8.77 -2.94 -0.04
CA PRO A 299 -7.80 -3.36 0.97
C PRO A 299 -7.96 -4.83 1.41
N ILE A 300 -9.06 -5.48 1.04
CA ILE A 300 -9.23 -6.90 1.26
C ILE A 300 -8.11 -7.69 0.54
N THR A 301 -7.51 -7.10 -0.49
CA THR A 301 -6.42 -7.75 -1.21
C THR A 301 -5.13 -7.69 -0.38
N GLY A 302 -5.04 -6.71 0.50
CA GLY A 302 -3.85 -6.46 1.24
C GLY A 302 -2.73 -5.77 0.46
N GLN A 303 -2.92 -5.41 -0.81
CA GLN A 303 -1.81 -5.11 -1.71
C GLN A 303 -1.48 -3.62 -1.89
N GLY A 304 -2.05 -2.70 -1.12
CA GLY A 304 -1.78 -1.29 -1.35
C GLY A 304 -0.29 -0.91 -1.26
N MET A 305 0.38 -1.30 -0.16
CA MET A 305 1.82 -1.06 -0.02
C MET A 305 2.62 -1.85 -1.07
N ASN A 306 2.27 -3.12 -1.25
CA ASN A 306 2.98 -3.99 -2.15
C ASN A 306 3.04 -3.40 -3.58
N LEU A 307 1.92 -2.94 -4.10
CA LEU A 307 1.86 -2.38 -5.46
C LEU A 307 2.60 -1.04 -5.53
N ALA A 308 2.58 -0.22 -4.48
CA ALA A 308 3.40 1.02 -4.45
C ALA A 308 4.88 0.66 -4.62
N ILE A 309 5.33 -0.39 -3.96
CA ILE A 309 6.73 -0.81 -3.99
C ILE A 309 7.08 -1.35 -5.37
N GLU A 310 6.21 -2.21 -5.91
CA GLU A 310 6.42 -2.75 -7.26
C GLU A 310 6.49 -1.61 -8.31
N ASP A 311 5.56 -0.63 -8.21
CA ASP A 311 5.59 0.52 -9.12
C ASP A 311 6.90 1.32 -8.96
N ALA A 312 7.30 1.59 -7.72
CA ALA A 312 8.51 2.34 -7.47
C ALA A 312 9.70 1.67 -8.15
N SER A 313 9.80 0.34 -8.04
CA SER A 313 10.91 -0.40 -8.60
C SER A 313 10.92 -0.33 -10.14
N ALA A 314 9.76 -0.52 -10.76
CA ALA A 314 9.61 -0.36 -12.19
C ALA A 314 9.99 1.08 -12.61
N LEU A 315 9.51 2.09 -11.86
CA LEU A 315 9.73 3.45 -12.28
C LEU A 315 11.21 3.82 -12.09
N ALA A 316 11.86 3.30 -11.04
CA ALA A 316 13.29 3.48 -10.85
C ALA A 316 14.07 2.93 -12.06
N ASP A 317 13.66 1.75 -12.54
CA ASP A 317 14.31 1.12 -13.71
C ASP A 317 14.15 2.06 -14.92
N ALA A 318 12.91 2.50 -15.18
CA ALA A 318 12.61 3.35 -16.34
C ALA A 318 13.38 4.67 -16.25
N LEU A 319 13.34 5.32 -15.08
CA LEU A 319 13.99 6.61 -14.96
C LEU A 319 15.51 6.46 -15.01
N ASP A 320 16.08 5.38 -14.42
CA ASP A 320 17.55 5.17 -14.54
C ASP A 320 17.94 5.11 -16.03
N LEU A 321 17.17 4.39 -16.85
CA LEU A 321 17.49 4.28 -18.29
C LEU A 321 17.49 5.65 -18.96
N ALA A 322 16.48 6.48 -18.67
CA ALA A 322 16.38 7.77 -19.29
C ALA A 322 17.48 8.72 -18.79
N LEU A 323 17.76 8.72 -17.48
CA LEU A 323 18.71 9.66 -16.93
C LEU A 323 20.14 9.31 -17.35
N ARG A 324 20.43 8.04 -17.68
CA ARG A 324 21.79 7.65 -18.17
C ARG A 324 21.84 7.74 -19.71
N ASP A 325 20.76 8.21 -20.33
CA ASP A 325 20.69 8.44 -21.80
C ASP A 325 20.64 7.11 -22.58
N ALA A 326 20.11 6.04 -21.99
CA ALA A 326 19.90 4.80 -22.68
C ALA A 326 18.62 4.86 -23.51
N CYS A 327 17.73 5.79 -23.18
CA CYS A 327 16.59 6.08 -24.06
C CYS A 327 15.94 7.41 -23.66
N ALA A 328 15.05 7.90 -24.53
CA ALA A 328 14.32 9.11 -24.28
C ALA A 328 13.34 8.85 -23.12
N LEU A 329 13.07 9.90 -22.38
CA LEU A 329 12.17 9.83 -21.23
C LEU A 329 10.80 9.30 -21.63
N GLU A 330 10.25 9.79 -22.76
CA GLU A 330 8.90 9.40 -23.16
C GLU A 330 8.87 7.89 -23.43
N ASP A 331 9.94 7.32 -24.02
CA ASP A 331 9.98 5.87 -24.24
C ASP A 331 10.11 5.07 -22.91
N ALA A 332 10.93 5.57 -21.97
CA ALA A 332 11.10 4.93 -20.67
C ALA A 332 9.76 4.92 -19.91
N LEU A 333 9.01 6.04 -19.93
CA LEU A 333 7.72 6.18 -19.23
C LEU A 333 6.61 5.33 -19.86
N ALA A 334 6.63 5.20 -21.19
CA ALA A 334 5.74 4.28 -21.86
C ALA A 334 6.06 2.83 -21.46
N GLY A 335 7.34 2.49 -21.28
CA GLY A 335 7.73 1.14 -20.88
C GLY A 335 7.29 0.84 -19.45
N TYR A 336 7.39 1.85 -18.60
CA TYR A 336 6.90 1.77 -17.19
C TYR A 336 5.41 1.43 -17.19
N GLN A 337 4.64 2.20 -17.96
CA GLN A 337 3.22 1.95 -18.02
C GLN A 337 2.91 0.57 -18.60
N ALA A 338 3.61 0.17 -19.67
CA ALA A 338 3.41 -1.19 -20.27
C ALA A 338 3.60 -2.31 -19.24
N GLU A 339 4.61 -2.16 -18.37
CA GLU A 339 5.01 -3.13 -17.39
C GLU A 339 4.01 -3.16 -16.22
N ARG A 340 3.56 -2.00 -15.75
CA ARG A 340 2.81 -1.95 -14.48
C ARG A 340 1.29 -2.02 -14.70
N PHE A 341 0.79 -1.41 -15.78
CA PHE A 341 -0.69 -1.24 -15.97
C PHE A 341 -1.40 -2.59 -15.87
N PRO A 342 -0.94 -3.65 -16.58
CA PRO A 342 -1.64 -4.93 -16.55
C PRO A 342 -1.68 -5.59 -15.16
N VAL A 343 -0.57 -5.51 -14.43
CA VAL A 343 -0.46 -6.06 -13.11
C VAL A 343 -1.47 -5.33 -12.21
N ASN A 344 -1.37 -4.00 -12.16
CA ASN A 344 -2.25 -3.18 -11.28
C ASN A 344 -3.72 -3.42 -11.66
N GLN A 345 -4.00 -3.52 -12.96
CA GLN A 345 -5.35 -3.72 -13.44
C GLN A 345 -5.93 -5.04 -12.88
N ALA A 346 -5.14 -6.12 -12.94
CA ALA A 346 -5.59 -7.43 -12.45
C ALA A 346 -5.90 -7.39 -10.95
N ILE A 347 -5.07 -6.72 -10.14
CA ILE A 347 -5.30 -6.74 -8.75
C ILE A 347 -6.51 -5.85 -8.45
N VAL A 348 -6.68 -4.73 -9.16
CA VAL A 348 -7.86 -3.85 -8.92
C VAL A 348 -9.14 -4.66 -9.22
N SER A 349 -9.12 -5.39 -10.35
CA SER A 349 -10.29 -6.18 -10.73
C SER A 349 -10.56 -7.28 -9.71
N TYR A 350 -9.49 -7.91 -9.22
CA TYR A 350 -9.60 -9.01 -8.28
C TYR A 350 -10.13 -8.53 -6.93
N GLY A 351 -9.61 -7.39 -6.43
CA GLY A 351 -10.11 -6.79 -5.18
C GLY A 351 -11.61 -6.52 -5.18
N HIS A 352 -12.10 -5.98 -6.29
CA HIS A 352 -13.51 -5.69 -6.42
C HIS A 352 -14.31 -6.99 -6.44
N ALA A 353 -13.80 -7.99 -7.16
CA ALA A 353 -14.46 -9.30 -7.27
C ALA A 353 -14.52 -9.98 -5.89
N LEU A 354 -13.45 -9.88 -5.08
CA LEU A 354 -13.48 -10.41 -3.74
C LEU A 354 -14.49 -9.68 -2.86
N ALA A 355 -14.39 -8.35 -2.81
CA ALA A 355 -15.19 -7.55 -1.89
C ALA A 355 -16.69 -7.77 -2.16
N THR A 356 -17.07 -7.94 -3.43
CA THR A 356 -18.49 -8.01 -3.77
C THR A 356 -19.02 -9.45 -3.64
N SER A 357 -18.14 -10.43 -3.48
CA SER A 357 -18.57 -11.88 -3.41
C SER A 357 -18.65 -12.42 -1.98
N LEU A 358 -18.26 -11.63 -0.98
N LEU A 358 -18.25 -11.60 -1.01
CA LEU A 358 -17.98 -12.10 0.39
CA LEU A 358 -18.00 -11.94 0.38
C LEU A 358 -19.12 -12.97 0.92
C LEU A 358 -19.09 -12.85 0.95
N GLU A 359 -20.35 -12.49 0.72
CA GLU A 359 -21.50 -13.06 1.39
C GLU A 359 -21.93 -14.38 0.77
N ASP A 360 -21.48 -14.64 -0.45
CA ASP A 360 -21.90 -15.76 -1.25
C ASP A 360 -20.75 -16.77 -1.33
N ARG A 361 -20.86 -17.84 -0.54
CA ARG A 361 -19.78 -18.73 -0.25
C ARG A 361 -19.17 -19.36 -1.52
N GLN A 362 -20.02 -19.81 -2.44
CA GLN A 362 -19.54 -20.50 -3.62
C GLN A 362 -18.84 -19.53 -4.58
N ARG A 363 -19.40 -18.33 -4.70
CA ARG A 363 -18.88 -17.25 -5.55
C ARG A 363 -17.51 -16.77 -5.02
N PHE A 364 -17.45 -16.56 -3.69
CA PHE A 364 -16.21 -16.16 -2.99
C PHE A 364 -15.10 -17.17 -3.29
N ALA A 365 -15.40 -18.46 -3.07
CA ALA A 365 -14.44 -19.54 -3.39
C ALA A 365 -14.04 -19.51 -4.87
N GLY A 366 -15.00 -19.25 -5.75
CA GLY A 366 -14.71 -19.17 -7.17
C GLY A 366 -13.77 -18.03 -7.50
N VAL A 367 -13.90 -16.91 -6.78
CA VAL A 367 -13.00 -15.76 -7.01
C VAL A 367 -11.55 -16.13 -6.65
N PHE A 368 -11.36 -16.81 -5.52
CA PHE A 368 -10.05 -17.38 -5.15
C PHE A 368 -9.49 -18.32 -6.22
N ASP A 369 -10.26 -19.31 -6.64
CA ASP A 369 -9.73 -20.31 -7.57
C ASP A 369 -9.26 -19.62 -8.86
N THR A 370 -9.83 -18.45 -9.12
CA THR A 370 -9.43 -17.44 -10.11
C THR A 370 -10.38 -17.61 -11.30
#